data_2EVD
#
_entry.id   2EVD
#
_cell.length_a   75.592
_cell.length_b   49.360
_cell.length_c   68.632
_cell.angle_alpha   90.00
_cell.angle_beta   122.38
_cell.angle_gamma   90.00
#
_symmetry.space_group_name_H-M   'C 1 2 1'
#
loop_
_entity.id
_entity.type
_entity.pdbx_description
1 polymer 'Glycolipid transfer protein'
2 branched beta-D-galactopyranose-(1-4)-beta-D-glucopyranose
3 non-polymer SPHINGOSINE
4 non-polymer 'LAURIC ACID'
5 non-polymer N-OCTANE
6 non-polymer DECANE
7 water water
#
_entity_poly.entity_id   1
_entity_poly.type   'polypeptide(L)'
_entity_poly.pdbx_seq_one_letter_code
;MALLAEHLLKPLPADKQIETGPFLEAVSHLPPFFDCLGSPVFTPIKADISGNITKIKAVYDTNPAKFRTLQNILEVEKEM
YGAEWPKVGATLALMWLKRGLRFIQVFLQSICDGERDENHPNLIRVNATKAYEMALKKYHGWIVQKIFQAALYAAPYKSD
FLKALSKGQNVTEEECLEKIRLFLVNYTATIDVIYEMYTQMNAELNYKV
;
_entity_poly.pdbx_strand_id   A
#
loop_
_chem_comp.id
_chem_comp.type
_chem_comp.name
_chem_comp.formula
BGC D-saccharide, beta linking beta-D-glucopyranose 'C6 H12 O6'
D10 non-polymer DECANE 'C10 H22'
DAO non-polymer 'LAURIC ACID' 'C12 H24 O2'
GAL D-saccharide, beta linking beta-D-galactopyranose 'C6 H12 O6'
OCT non-polymer N-OCTANE 'C8 H18'
SPH non-polymer SPHINGOSINE 'C18 H37 N O2'
#
# COMPACT_ATOMS: atom_id res chain seq x y z
N LEU A 4 -12.39 2.92 7.43
CA LEU A 4 -11.70 1.87 6.60
C LEU A 4 -12.76 1.08 5.84
N ALA A 5 -13.89 0.86 6.51
CA ALA A 5 -15.11 0.31 5.90
C ALA A 5 -16.07 1.42 5.43
N GLU A 6 -15.56 2.65 5.39
CA GLU A 6 -16.26 3.80 4.81
C GLU A 6 -15.77 3.98 3.38
N HIS A 7 -14.56 3.46 3.13
CA HIS A 7 -13.92 3.60 1.82
C HIS A 7 -13.35 2.26 1.31
N LEU A 8 -14.23 1.27 1.34
CA LEU A 8 -13.96 -0.02 0.74
C LEU A 8 -13.50 0.16 -0.70
N LEU A 9 -12.61 -0.72 -1.14
CA LEU A 9 -12.28 -0.79 -2.56
C LEU A 9 -13.43 -1.55 -3.21
N LYS A 10 -13.68 -1.26 -4.49
CA LYS A 10 -14.63 -2.04 -5.28
C LYS A 10 -14.14 -3.47 -5.41
N PRO A 11 -15.07 -4.44 -5.52
CA PRO A 11 -14.65 -5.81 -5.88
C PRO A 11 -14.02 -5.83 -7.28
N LEU A 12 -13.28 -6.89 -7.58
CA LEU A 12 -12.72 -7.04 -8.92
C LEU A 12 -13.84 -7.36 -9.90
N PRO A 13 -13.83 -6.73 -11.10
CA PRO A 13 -14.84 -7.15 -12.09
C PRO A 13 -14.43 -8.51 -12.62
N ALA A 14 -15.26 -9.18 -13.42
CA ALA A 14 -14.95 -10.52 -13.93
C ALA A 14 -13.69 -10.64 -14.77
N ASP A 15 -13.32 -9.58 -15.48
CA ASP A 15 -12.14 -9.63 -16.34
C ASP A 15 -10.88 -9.20 -15.59
N LYS A 16 -11.05 -8.91 -14.30
CA LYS A 16 -9.95 -8.52 -13.40
C LYS A 16 -9.16 -7.27 -13.80
N GLN A 17 -9.76 -6.42 -14.62
CA GLN A 17 -9.12 -5.16 -14.99
C GLN A 17 -9.53 -4.10 -13.98
N ILE A 18 -8.56 -3.39 -13.41
CA ILE A 18 -8.85 -2.41 -12.37
C ILE A 18 -9.02 -1.05 -13.00
N GLU A 19 -10.20 -0.44 -12.83
CA GLU A 19 -10.36 0.94 -13.30
C GLU A 19 -9.46 1.92 -12.55
N THR A 20 -8.70 2.70 -13.30
CA THR A 20 -7.77 3.65 -12.71
C THR A 20 -8.39 4.70 -11.82
N GLY A 21 -9.37 5.44 -12.34
CA GLY A 21 -9.97 6.56 -11.57
C GLY A 21 -10.49 6.11 -10.19
N PRO A 22 -11.41 5.13 -10.16
CA PRO A 22 -11.86 4.66 -8.83
C PRO A 22 -10.77 4.07 -7.95
N PHE A 23 -9.77 3.41 -8.54
CA PHE A 23 -8.65 2.91 -7.74
C PHE A 23 -7.91 4.09 -7.05
N LEU A 24 -7.62 5.13 -7.82
CA LEU A 24 -6.90 6.26 -7.25
C LEU A 24 -7.71 6.97 -6.17
N GLU A 25 -9.00 7.13 -6.41
CA GLU A 25 -9.88 7.76 -5.42
C GLU A 25 -9.89 6.95 -4.13
N ALA A 26 -9.98 5.62 -4.26
CA ALA A 26 -10.01 4.71 -3.11
C ALA A 26 -8.72 4.80 -2.28
N VAL A 27 -7.57 4.64 -2.91
CA VAL A 27 -6.32 4.59 -2.14
C VAL A 27 -5.88 5.98 -1.62
N SER A 28 -6.43 7.05 -2.19
CA SER A 28 -6.18 8.38 -1.67
C SER A 28 -6.63 8.55 -0.20
N HIS A 29 -7.48 7.64 0.28
CA HIS A 29 -7.93 7.70 1.68
C HIS A 29 -6.93 7.13 2.67
N LEU A 30 -5.88 6.50 2.15
CA LEU A 30 -4.91 5.81 2.99
C LEU A 30 -3.84 6.71 3.62
N PRO A 31 -3.18 7.59 2.84
CA PRO A 31 -2.20 8.53 3.39
C PRO A 31 -2.63 9.31 4.63
N PRO A 32 -3.84 9.91 4.66
CA PRO A 32 -4.32 10.56 5.88
C PRO A 32 -4.17 9.76 7.19
N PHE A 33 -4.39 8.45 7.18
CA PHE A 33 -4.19 7.67 8.41
C PHE A 33 -2.79 7.87 9.03
N PHE A 34 -1.81 8.23 8.19
CA PHE A 34 -0.45 8.41 8.69
C PHE A 34 -0.29 9.61 9.62
N ASP A 35 -1.16 10.61 9.50
CA ASP A 35 -1.09 11.82 10.31
C ASP A 35 -1.61 11.63 11.73
N CYS A 36 -2.12 10.42 11.99
CA CYS A 36 -2.79 10.08 13.23
C CYS A 36 -2.11 8.92 13.96
N LEU A 37 -0.88 8.61 13.55
CA LEU A 37 -0.07 7.56 14.18
C LEU A 37 0.79 8.16 15.31
N GLY A 38 0.71 9.48 15.41
CA GLY A 38 1.29 10.22 16.52
C GLY A 38 2.78 10.49 16.45
N SER A 39 3.33 10.61 15.24
CA SER A 39 4.77 10.84 15.07
C SER A 39 5.17 11.49 13.73
N PRO A 40 6.06 12.49 13.78
CA PRO A 40 6.62 13.14 12.60
C PRO A 40 7.48 12.19 11.75
N VAL A 41 7.86 11.06 12.35
CA VAL A 41 8.63 10.03 11.65
C VAL A 41 7.85 9.47 10.44
N PHE A 42 6.53 9.51 10.52
CA PHE A 42 5.65 9.05 9.44
C PHE A 42 5.45 10.01 8.29
N THR A 43 5.74 11.29 8.50
CA THR A 43 5.58 12.30 7.46
C THR A 43 6.19 11.93 6.07
N PRO A 44 7.49 11.58 5.99
CA PRO A 44 8.06 11.16 4.70
C PRO A 44 7.44 9.89 4.09
N ILE A 45 6.90 9.01 4.93
CA ILE A 45 6.24 7.80 4.48
C ILE A 45 4.94 8.16 3.75
N LYS A 46 4.11 8.96 4.43
CA LYS A 46 2.94 9.55 3.83
C LYS A 46 3.26 10.23 2.50
N ALA A 47 4.32 11.04 2.46
CA ALA A 47 4.69 11.78 1.26
C ALA A 47 5.06 10.81 0.14
N ASP A 48 5.69 9.69 0.48
CA ASP A 48 6.09 8.77 -0.59
C ASP A 48 4.84 8.16 -1.22
N ILE A 49 3.90 7.72 -0.40
CA ILE A 49 2.71 7.03 -0.94
C ILE A 49 1.86 8.06 -1.68
N SER A 50 1.61 9.20 -1.04
CA SER A 50 0.81 10.25 -1.66
C SER A 50 1.40 10.68 -2.97
N GLY A 51 2.72 10.86 -2.97
CA GLY A 51 3.46 11.29 -4.15
C GLY A 51 3.26 10.34 -5.33
N ASN A 52 3.22 9.05 -5.06
CA ASN A 52 3.06 8.08 -6.13
C ASN A 52 1.64 8.10 -6.66
N ILE A 53 0.65 8.19 -5.78
CA ILE A 53 -0.74 8.38 -6.19
C ILE A 53 -0.90 9.59 -7.11
N THR A 54 -0.37 10.73 -6.68
CA THR A 54 -0.35 11.96 -7.49
C THR A 54 0.31 11.80 -8.87
N LYS A 55 1.44 11.11 -8.95
CA LYS A 55 2.12 10.86 -10.21
C LYS A 55 1.27 10.01 -11.15
N ILE A 56 0.62 8.98 -10.61
CA ILE A 56 -0.25 8.14 -11.46
C ILE A 56 -1.48 8.91 -11.89
N LYS A 57 -2.12 9.62 -10.93
CA LYS A 57 -3.23 10.52 -11.27
C LYS A 57 -2.88 11.55 -12.36
N ALA A 58 -1.71 12.17 -12.28
CA ALA A 58 -1.35 13.16 -13.30
C ALA A 58 -1.20 12.53 -14.69
N VAL A 59 -0.71 11.29 -14.77
CA VAL A 59 -0.64 10.55 -16.07
C VAL A 59 -2.04 10.19 -16.60
N TYR A 60 -2.89 9.63 -15.73
CA TYR A 60 -4.32 9.36 -16.03
C TYR A 60 -5.06 10.59 -16.53
N ASP A 61 -4.86 11.73 -15.87
CA ASP A 61 -5.58 12.95 -16.22
C ASP A 61 -5.30 13.42 -17.64
N THR A 62 -4.15 13.07 -18.20
CA THR A 62 -3.85 13.49 -19.57
C THR A 62 -4.75 12.82 -20.61
N ASN A 63 -5.22 11.62 -20.29
CA ASN A 63 -6.09 10.88 -21.19
C ASN A 63 -6.77 9.74 -20.42
N PRO A 64 -7.88 10.05 -19.72
CA PRO A 64 -8.64 9.08 -18.93
C PRO A 64 -9.06 7.84 -19.71
N ALA A 65 -9.39 7.98 -20.99
CA ALA A 65 -9.85 6.81 -21.76
C ALA A 65 -8.67 5.90 -22.10
N LYS A 66 -7.54 6.47 -22.48
CA LYS A 66 -6.38 5.67 -22.85
C LYS A 66 -5.81 4.98 -21.63
N PHE A 67 -5.99 5.62 -20.49
CA PHE A 67 -5.50 5.10 -19.21
C PHE A 67 -6.66 4.62 -18.34
N ARG A 68 -7.71 4.08 -18.96
CA ARG A 68 -8.93 3.69 -18.26
C ARG A 68 -8.64 2.73 -17.12
N THR A 69 -7.73 1.80 -17.37
CA THR A 69 -7.43 0.74 -16.42
C THR A 69 -5.92 0.79 -16.11
N LEU A 70 -5.54 0.15 -15.01
CA LEU A 70 -4.14 0.02 -14.63
C LEU A 70 -3.33 -0.78 -15.65
N GLN A 71 -3.93 -1.86 -16.15
CA GLN A 71 -3.34 -2.61 -17.27
C GLN A 71 -3.03 -1.71 -18.48
N ASN A 72 -3.97 -0.83 -18.83
CA ASN A 72 -3.81 0.14 -19.91
C ASN A 72 -2.59 1.02 -19.69
N ILE A 73 -2.41 1.51 -18.45
CA ILE A 73 -1.20 2.27 -18.10
C ILE A 73 0.08 1.56 -18.48
N LEU A 74 0.24 0.32 -18.05
CA LEU A 74 1.46 -0.44 -18.27
C LEU A 74 1.70 -0.70 -19.76
N GLU A 75 0.63 -1.04 -20.46
CA GLU A 75 0.80 -1.37 -21.87
C GLU A 75 0.99 -0.11 -22.73
N VAL A 76 0.21 0.95 -22.49
CA VAL A 76 0.47 2.22 -23.18
C VAL A 76 1.88 2.77 -22.97
N GLU A 77 2.38 2.74 -21.73
CA GLU A 77 3.67 3.34 -21.45
C GLU A 77 4.78 2.50 -22.04
N LYS A 78 4.63 1.17 -22.01
CA LYS A 78 5.59 0.28 -22.65
C LYS A 78 5.77 0.67 -24.13
N GLU A 79 4.66 0.91 -24.83
CA GLU A 79 4.64 1.33 -26.22
C GLU A 79 5.19 2.77 -26.39
N MET A 80 4.80 3.66 -25.49
CA MET A 80 5.05 5.09 -25.58
C MET A 80 6.50 5.45 -25.27
N TYR A 81 7.14 4.66 -24.42
CA TYR A 81 8.47 5.01 -23.93
C TYR A 81 9.64 4.25 -24.54
N GLY A 82 9.44 3.03 -25.00
CA GLY A 82 10.62 2.28 -25.44
C GLY A 82 11.47 1.76 -24.29
N ALA A 83 12.77 2.06 -24.33
CA ALA A 83 13.77 1.27 -23.60
C ALA A 83 13.89 1.60 -22.10
N GLU A 84 13.35 2.76 -21.75
CA GLU A 84 13.47 3.26 -20.39
C GLU A 84 12.35 2.61 -19.55
N TRP A 85 11.31 2.09 -20.20
CA TRP A 85 10.25 1.38 -19.50
C TRP A 85 10.76 0.02 -19.03
N PRO A 86 10.32 -0.47 -17.84
CA PRO A 86 9.31 -0.02 -16.86
C PRO A 86 9.76 1.01 -15.83
N LYS A 87 11.03 1.43 -15.91
CA LYS A 87 11.57 2.40 -14.96
C LYS A 87 11.25 3.85 -15.38
N VAL A 88 9.97 4.12 -15.63
CA VAL A 88 9.51 5.44 -16.10
C VAL A 88 8.04 5.63 -15.76
N GLY A 89 7.60 6.89 -15.75
CA GLY A 89 6.18 7.27 -15.75
C GLY A 89 5.31 6.73 -14.64
N ALA A 90 4.02 6.57 -14.92
CA ALA A 90 3.10 6.00 -13.93
C ALA A 90 3.41 4.51 -13.64
N THR A 91 4.00 3.78 -14.59
CA THR A 91 4.41 2.39 -14.32
C THR A 91 5.36 2.32 -13.15
N LEU A 92 6.35 3.23 -13.14
CA LEU A 92 7.30 3.22 -12.05
C LEU A 92 6.71 3.67 -10.71
N ALA A 93 5.89 4.72 -10.73
CA ALA A 93 5.18 5.15 -9.53
C ALA A 93 4.27 4.02 -8.95
N LEU A 94 3.49 3.37 -9.80
CA LEU A 94 2.61 2.27 -9.33
C LEU A 94 3.43 1.05 -8.81
N MET A 95 4.60 0.83 -9.39
CA MET A 95 5.49 -0.22 -8.90
C MET A 95 5.86 0.01 -7.45
N TRP A 96 6.16 1.27 -7.08
CA TRP A 96 6.46 1.59 -5.69
C TRP A 96 5.20 1.74 -4.84
N LEU A 97 4.14 2.26 -5.44
CA LEU A 97 2.87 2.34 -4.72
C LEU A 97 2.38 0.96 -4.25
N LYS A 98 2.43 -0.03 -5.15
CA LYS A 98 1.94 -1.36 -4.82
C LYS A 98 2.67 -1.96 -3.59
N ARG A 99 3.94 -1.61 -3.42
CA ARG A 99 4.74 -2.11 -2.33
C ARG A 99 4.36 -1.42 -1.02
N GLY A 100 4.04 -0.12 -1.08
CA GLY A 100 3.50 0.55 0.09
C GLY A 100 2.13 -0.02 0.48
N LEU A 101 1.30 -0.32 -0.52
CA LEU A 101 -0.03 -0.82 -0.29
C LEU A 101 0.07 -2.26 0.28
N ARG A 102 0.99 -3.05 -0.25
CA ARG A 102 1.21 -4.41 0.25
C ARG A 102 1.74 -4.35 1.67
N PHE A 103 2.63 -3.41 1.97
CA PHE A 103 3.04 -3.21 3.35
C PHE A 103 1.83 -3.03 4.25
N ILE A 104 0.93 -2.13 3.88
CA ILE A 104 -0.23 -1.85 4.74
C ILE A 104 -1.08 -3.13 4.89
N GLN A 105 -1.23 -3.84 3.78
CA GLN A 105 -2.01 -5.08 3.77
C GLN A 105 -1.48 -6.18 4.72
N VAL A 106 -0.20 -6.52 4.57
CA VAL A 106 0.46 -7.53 5.41
C VAL A 106 0.42 -7.12 6.89
N PHE A 107 0.69 -5.86 7.19
CA PHE A 107 0.59 -5.35 8.55
C PHE A 107 -0.81 -5.50 9.16
N LEU A 108 -1.84 -5.02 8.45
CA LEU A 108 -3.19 -5.13 8.98
C LEU A 108 -3.63 -6.57 9.13
N GLN A 109 -3.27 -7.43 8.17
CA GLN A 109 -3.69 -8.82 8.19
C GLN A 109 -3.05 -9.60 9.37
N SER A 110 -1.76 -9.39 9.55
CA SER A 110 -1.01 -9.82 10.73
C SER A 110 -1.67 -9.41 12.03
N ILE A 111 -2.11 -8.15 12.13
CA ILE A 111 -2.74 -7.71 13.37
C ILE A 111 -4.06 -8.48 13.59
N CYS A 112 -4.89 -8.51 12.56
CA CYS A 112 -6.17 -9.23 12.55
C CYS A 112 -6.03 -10.72 12.81
N ASP A 113 -4.95 -11.33 12.36
CA ASP A 113 -4.72 -12.78 12.52
C ASP A 113 -4.21 -13.10 13.92
N GLY A 114 -4.09 -12.08 14.77
CA GLY A 114 -3.73 -12.26 16.16
C GLY A 114 -2.25 -12.51 16.38
N GLU A 115 -1.44 -12.21 15.37
CA GLU A 115 0.03 -12.38 15.52
C GLU A 115 0.56 -11.34 16.50
N ARG A 116 1.40 -11.79 17.42
CA ARG A 116 1.95 -10.95 18.47
C ARG A 116 3.27 -11.53 18.98
N ASP A 117 4.03 -10.70 19.70
CA ASP A 117 5.17 -11.15 20.49
C ASP A 117 4.70 -11.48 21.90
N GLU A 118 4.65 -12.76 22.28
CA GLU A 118 4.13 -13.13 23.61
C GLU A 118 4.80 -12.28 24.70
N ASN A 119 6.09 -12.05 24.55
CA ASN A 119 6.91 -11.25 25.47
C ASN A 119 6.49 -9.77 25.56
N HIS A 120 6.09 -9.21 24.41
CA HIS A 120 5.63 -7.82 24.31
C HIS A 120 4.30 -7.71 23.54
N PRO A 121 3.19 -8.09 24.21
CA PRO A 121 1.87 -8.33 23.59
C PRO A 121 1.11 -7.13 23.05
N ASN A 122 1.34 -5.93 23.62
CA ASN A 122 0.60 -4.74 23.19
C ASN A 122 1.41 -3.83 22.26
N LEU A 123 2.49 -4.38 21.73
CA LEU A 123 3.29 -3.69 20.73
C LEU A 123 2.86 -4.20 19.35
N ILE A 124 3.22 -3.45 18.30
CA ILE A 124 2.95 -3.86 16.93
C ILE A 124 4.23 -4.03 16.12
N ARG A 125 5.35 -4.15 16.83
CA ARG A 125 6.65 -4.22 16.16
C ARG A 125 6.83 -5.48 15.33
N VAL A 126 6.34 -6.61 15.83
CA VAL A 126 6.41 -7.85 15.06
C VAL A 126 5.54 -7.80 13.78
N ASN A 127 4.41 -7.12 13.85
CA ASN A 127 3.47 -7.04 12.73
C ASN A 127 4.07 -6.15 11.65
N ALA A 128 4.63 -5.04 12.08
CA ALA A 128 5.27 -4.09 11.17
C ALA A 128 6.52 -4.69 10.54
N THR A 129 7.32 -5.39 11.36
CA THR A 129 8.50 -6.08 10.85
C THR A 129 8.16 -7.15 9.81
N LYS A 130 7.14 -7.97 10.05
CA LYS A 130 6.73 -8.93 9.04
C LYS A 130 6.33 -8.28 7.72
N ALA A 131 5.50 -7.25 7.82
CA ALA A 131 5.05 -6.45 6.69
C ALA A 131 6.25 -5.86 5.94
N TYR A 132 7.20 -5.30 6.67
CA TYR A 132 8.43 -4.78 6.06
C TYR A 132 9.21 -5.85 5.28
N GLU A 133 9.49 -6.98 5.94
CA GLU A 133 10.14 -8.11 5.30
C GLU A 133 9.44 -8.58 4.04
N MET A 134 8.12 -8.64 4.07
CA MET A 134 7.40 -9.17 2.92
C MET A 134 7.22 -8.22 1.75
N ALA A 135 7.13 -6.91 2.03
CA ALA A 135 6.79 -5.93 0.99
C ALA A 135 7.94 -5.03 0.54
N LEU A 136 8.80 -4.65 1.48
CA LEU A 136 9.73 -3.57 1.19
C LEU A 136 11.20 -3.91 1.30
N LYS A 137 11.58 -4.71 2.30
CA LYS A 137 12.99 -4.94 2.67
C LYS A 137 13.94 -5.26 1.55
N LYS A 138 13.56 -6.15 0.66
CA LYS A 138 14.47 -6.55 -0.38
C LYS A 138 14.74 -5.46 -1.44
N TYR A 139 14.04 -4.31 -1.34
CA TYR A 139 14.20 -3.21 -2.29
C TYR A 139 14.93 -2.05 -1.68
N HIS A 140 15.37 -2.26 -0.45
CA HIS A 140 16.12 -1.29 0.30
C HIS A 140 17.54 -1.80 0.53
N GLY A 141 18.50 -0.91 0.28
CA GLY A 141 19.86 -1.05 0.77
C GLY A 141 19.98 -0.92 2.26
N TRP A 142 21.20 -1.11 2.77
CA TRP A 142 21.38 -1.25 4.20
C TRP A 142 21.05 -0.01 4.99
N ILE A 143 21.30 1.18 4.44
CA ILE A 143 21.03 2.41 5.21
C ILE A 143 19.52 2.64 5.54
N VAL A 144 18.68 2.42 4.53
CA VAL A 144 17.22 2.64 4.64
C VAL A 144 16.61 1.56 5.53
N GLN A 145 17.18 0.36 5.45
CA GLN A 145 16.84 -0.69 6.41
C GLN A 145 17.12 -0.27 7.85
N LYS A 146 18.29 0.32 8.09
CA LYS A 146 18.62 0.86 9.39
C LYS A 146 17.67 1.94 9.86
N ILE A 147 17.31 2.85 8.94
CA ILE A 147 16.30 3.87 9.26
C ILE A 147 14.91 3.26 9.59
N PHE A 148 14.46 2.27 8.82
CA PHE A 148 13.22 1.56 9.16
C PHE A 148 13.26 1.00 10.59
N GLN A 149 14.33 0.28 10.92
CA GLN A 149 14.52 -0.20 12.30
C GLN A 149 14.36 0.89 13.36
N ALA A 150 14.95 2.06 13.14
CA ALA A 150 14.84 3.13 14.13
C ALA A 150 13.42 3.67 14.16
N ALA A 151 12.87 3.95 12.96
CA ALA A 151 11.48 4.43 12.78
C ALA A 151 10.47 3.55 13.48
N LEU A 152 10.72 2.24 13.46
CA LEU A 152 9.86 1.27 14.11
C LEU A 152 9.54 1.63 15.55
N TYR A 153 10.45 2.29 16.24
CA TYR A 153 10.19 2.61 17.64
C TYR A 153 9.25 3.77 17.86
N ALA A 154 8.84 4.44 16.78
CA ALA A 154 7.81 5.48 16.87
C ALA A 154 6.40 4.89 16.79
N ALA A 155 6.32 3.61 16.44
CA ALA A 155 5.05 2.85 16.41
C ALA A 155 4.25 2.96 17.71
N PRO A 156 2.93 3.24 17.59
CA PRO A 156 2.09 3.26 18.79
C PRO A 156 1.86 1.85 19.34
N TYR A 157 1.29 1.76 20.54
CA TYR A 157 0.90 0.47 21.13
C TYR A 157 -0.27 -0.07 20.29
N LYS A 158 -0.43 -1.38 20.25
CA LYS A 158 -1.53 -1.99 19.48
C LYS A 158 -2.87 -1.41 19.89
N SER A 159 -3.11 -1.40 21.20
CA SER A 159 -4.35 -0.91 21.78
C SER A 159 -4.65 0.52 21.35
N ASP A 160 -3.60 1.32 21.24
CA ASP A 160 -3.72 2.72 20.85
C ASP A 160 -3.93 2.90 19.36
N PHE A 161 -3.23 2.09 18.57
CA PHE A 161 -3.38 2.07 17.12
C PHE A 161 -4.84 1.77 16.76
N LEU A 162 -5.44 0.80 17.46
CA LEU A 162 -6.75 0.31 17.07
C LEU A 162 -7.78 1.35 17.46
N LYS A 163 -7.64 1.88 18.67
CA LYS A 163 -8.46 2.98 19.15
C LYS A 163 -8.36 4.23 18.27
N ALA A 164 -7.19 4.44 17.66
CA ALA A 164 -6.98 5.60 16.80
C ALA A 164 -7.67 5.49 15.43
N LEU A 165 -7.92 4.26 14.99
CA LEU A 165 -8.64 4.01 13.73
C LEU A 165 -10.16 4.08 13.97
N SER A 166 -10.54 4.22 15.24
CA SER A 166 -11.94 4.36 15.64
C SER A 166 -12.11 5.51 16.65
N GLN A 169 -16.32 6.75 16.42
CA GLN A 169 -17.12 5.62 16.87
C GLN A 169 -16.61 5.11 18.21
N ASN A 170 -17.55 4.75 19.08
CA ASN A 170 -17.17 4.04 20.31
C ASN A 170 -17.53 2.57 20.13
N VAL A 171 -16.48 1.78 19.94
CA VAL A 171 -16.61 0.47 19.33
C VAL A 171 -15.56 -0.43 20.02
N THR A 172 -15.86 -1.70 20.24
CA THR A 172 -14.89 -2.58 20.88
C THR A 172 -13.72 -2.81 19.93
N GLU A 173 -12.61 -3.20 20.52
CA GLU A 173 -11.47 -3.65 19.74
C GLU A 173 -11.85 -4.76 18.75
N GLU A 174 -12.70 -5.69 19.19
CA GLU A 174 -13.14 -6.82 18.38
C GLU A 174 -13.94 -6.31 17.16
N GLU A 175 -14.85 -5.37 17.40
CA GLU A 175 -15.59 -4.68 16.34
C GLU A 175 -14.66 -4.01 15.35
N CYS A 176 -13.68 -3.26 15.85
CA CYS A 176 -12.74 -2.53 15.00
C CYS A 176 -11.98 -3.53 14.10
N LEU A 177 -11.42 -4.58 14.68
CA LEU A 177 -10.78 -5.65 13.86
C LEU A 177 -11.69 -6.32 12.81
N GLU A 178 -12.96 -6.55 13.14
CA GLU A 178 -13.86 -7.16 12.15
C GLU A 178 -14.04 -6.21 10.94
N LYS A 179 -14.08 -4.91 11.23
CA LYS A 179 -14.13 -3.88 10.20
C LYS A 179 -12.85 -3.84 9.35
N ILE A 180 -11.69 -3.92 10.01
CA ILE A 180 -10.46 -4.11 9.26
C ILE A 180 -10.47 -5.38 8.37
N ARG A 181 -10.92 -6.52 8.91
CA ARG A 181 -11.05 -7.74 8.10
C ARG A 181 -11.91 -7.53 6.85
N LEU A 182 -13.03 -6.83 7.03
CA LEU A 182 -13.93 -6.48 5.89
C LEU A 182 -13.16 -5.65 4.84
N PHE A 183 -12.44 -4.62 5.27
CA PHE A 183 -11.63 -3.82 4.34
C PHE A 183 -10.58 -4.63 3.54
N LEU A 184 -9.92 -5.56 4.21
CA LEU A 184 -8.88 -6.36 3.64
C LEU A 184 -9.30 -7.28 2.50
N VAL A 185 -10.59 -7.61 2.42
CA VAL A 185 -11.05 -8.57 1.41
C VAL A 185 -10.76 -8.02 -0.01
N ASN A 186 -11.43 -6.93 -0.37
CA ASN A 186 -11.22 -6.38 -1.71
C ASN A 186 -9.88 -5.68 -1.83
N TYR A 187 -9.37 -5.13 -0.73
CA TYR A 187 -8.03 -4.51 -0.76
C TYR A 187 -6.97 -5.53 -1.19
N THR A 188 -6.97 -6.69 -0.52
CA THR A 188 -6.00 -7.75 -0.81
C THR A 188 -6.12 -8.28 -2.24
N ALA A 189 -7.35 -8.55 -2.67
CA ALA A 189 -7.61 -9.06 -3.99
C ALA A 189 -7.06 -8.09 -5.03
N THR A 190 -7.30 -6.78 -4.84
CA THR A 190 -6.86 -5.76 -5.79
C THR A 190 -5.33 -5.69 -5.86
N ILE A 191 -4.66 -5.56 -4.72
CA ILE A 191 -3.21 -5.51 -4.73
C ILE A 191 -2.62 -6.78 -5.36
N ASP A 192 -3.22 -7.94 -5.03
CA ASP A 192 -2.72 -9.18 -5.61
C ASP A 192 -2.80 -9.09 -7.15
N VAL A 193 -3.89 -8.55 -7.67
CA VAL A 193 -4.02 -8.48 -9.13
C VAL A 193 -2.96 -7.52 -9.73
N ILE A 194 -2.60 -6.47 -8.97
CA ILE A 194 -1.63 -5.51 -9.46
C ILE A 194 -0.29 -6.20 -9.47
N TYR A 195 0.03 -7.00 -8.45
CA TYR A 195 1.33 -7.72 -8.44
C TYR A 195 1.44 -8.72 -9.58
N GLU A 196 0.33 -9.42 -9.84
CA GLU A 196 0.23 -10.35 -10.95
C GLU A 196 0.41 -9.67 -12.33
N MET A 197 -0.20 -8.51 -12.48
CA MET A 197 0.00 -7.66 -13.63
C MET A 197 1.45 -7.28 -13.87
N TYR A 198 2.20 -7.00 -12.80
CA TYR A 198 3.60 -6.61 -12.97
C TYR A 198 4.43 -7.79 -13.44
N THR A 199 4.09 -8.97 -12.92
CA THR A 199 4.72 -10.25 -13.27
C THR A 199 4.44 -10.65 -14.72
N GLN A 200 3.18 -10.60 -15.15
CA GLN A 200 2.83 -10.97 -16.50
C GLN A 200 3.43 -10.04 -17.55
N MET A 201 3.57 -8.77 -17.18
CA MET A 201 4.04 -7.76 -18.12
C MET A 201 5.56 -7.64 -18.04
N ASN A 202 6.17 -8.42 -17.17
CA ASN A 202 7.62 -8.32 -16.92
C ASN A 202 8.04 -6.89 -16.54
N ALA A 203 7.19 -6.20 -15.76
CA ALA A 203 7.43 -4.79 -15.43
C ALA A 203 8.07 -4.61 -14.06
N GLU A 204 8.25 -5.72 -13.34
CA GLU A 204 8.83 -5.67 -12.01
C GLU A 204 10.34 -5.43 -12.10
N LEU A 205 10.86 -4.58 -11.23
CA LEU A 205 12.30 -4.34 -11.14
C LEU A 205 12.74 -4.63 -9.72
N ASN A 206 14.00 -5.00 -9.50
CA ASN A 206 14.47 -5.33 -8.17
C ASN A 206 15.58 -4.43 -7.70
N TYR A 207 15.77 -3.28 -8.36
CA TYR A 207 16.81 -2.40 -7.86
C TYR A 207 16.50 -1.98 -6.42
N LYS A 208 17.58 -1.77 -5.65
CA LYS A 208 17.47 -1.35 -4.25
C LYS A 208 17.67 0.14 -4.20
N VAL A 209 17.20 0.77 -3.12
CA VAL A 209 17.43 2.20 -2.92
C VAL A 209 18.18 2.49 -1.62
C2 BGC B . 9.38 6.65 -5.12
C3 BGC B . 9.13 6.59 -6.63
C4 BGC B . 10.39 6.95 -7.40
C5 BGC B . 11.50 5.93 -7.08
C6 BGC B . 12.83 6.17 -7.81
C1 BGC B . 10.80 6.21 -4.71
O1 BGC B . 10.86 5.38 -3.59
O2 BGC B . 8.34 6.04 -4.39
O3 BGC B . 8.11 7.52 -6.93
O4 BGC B . 10.05 6.85 -8.77
O5 BGC B . 11.74 5.82 -5.69
O6 BGC B . 13.66 5.05 -7.59
C1 GAL B . 10.34 7.93 -9.65
C2 GAL B . 9.39 9.10 -9.42
C3 GAL B . 9.67 10.20 -10.47
C4 GAL B . 11.17 10.52 -10.46
C5 GAL B . 11.96 9.21 -10.66
C6 GAL B . 13.46 9.37 -10.86
O2 GAL B . 8.07 8.60 -9.55
O3 GAL B . 8.91 11.36 -10.21
O4 GAL B . 11.53 11.06 -9.21
O5 GAL B . 11.69 8.35 -9.57
O6 GAL B . 13.90 8.21 -11.54
C1 SPH C . 11.77 4.59 -3.01
C2 SPH C . 11.43 4.43 -1.52
N2 SPH C . 10.03 4.05 -1.36
C3 SPH C . 11.76 5.72 -0.77
O3 SPH C . 13.16 6.00 -0.96
C4 SPH C . 11.46 5.65 0.73
C5 SPH C . 10.75 6.58 1.36
C6 SPH C . 10.79 6.72 2.90
C7 SPH C . 11.90 7.66 3.42
C8 SPH C . 13.22 6.99 3.86
C9 SPH C . 14.43 7.92 3.90
C10 SPH C . 14.60 8.71 5.19
C11 SPH C . 15.85 9.58 5.24
C12 SPH C . 15.72 10.60 6.39
C13 SPH C . 17.05 11.09 6.95
C14 SPH C . 16.81 12.29 7.87
C15 SPH C . 18.03 12.80 8.63
C16 SPH C . 17.68 13.13 10.08
C17 SPH C . 17.42 14.61 10.41
C18 SPH C . 18.64 15.47 10.13
O1 DAO D . 10.19 2.29 -0.16
C1 DAO D . 9.29 3.12 -0.93
C2 DAO D . 7.87 2.94 -0.42
C3 DAO D . 7.75 3.30 1.06
C4 DAO D . 6.38 2.82 1.53
C5 DAO D . 6.34 2.61 3.05
C6 DAO D . 5.07 1.87 3.46
C7 DAO D . 4.77 2.10 4.93
C8 DAO D . 6.06 2.01 5.76
C9 DAO D . 5.77 2.25 7.24
C10 DAO D . 7.04 2.13 8.09
C11 DAO D . 6.78 2.31 9.58
C12 DAO D . 8.08 2.48 10.35
C1 OCT E . -5.77 11.46 -6.31
C2 OCT E . -4.54 12.28 -5.96
C3 OCT E . -4.30 12.34 -4.44
C4 OCT E . -2.84 12.02 -4.08
C5 OCT E . -2.56 11.94 -2.58
C6 OCT E . -2.99 10.72 -1.80
C1 D10 F . 2.91 1.27 11.64
C2 D10 F . 2.55 1.43 10.18
C3 D10 F . 1.04 1.48 10.01
C4 D10 F . 0.62 1.98 8.64
C5 D10 F . -0.82 1.54 8.36
C6 D10 F . -1.75 2.67 7.91
C7 D10 F . -3.18 2.35 8.34
C8 D10 F . -4.07 1.99 7.16
C9 D10 F . -5.53 1.75 7.56
#